data_3FVK
#
_entry.id   3FVK
#
_cell.length_a   47.508
_cell.length_b   50.787
_cell.length_c   62.644
_cell.angle_alpha   80.43
_cell.angle_beta   84.41
_cell.angle_gamma   62.10
#
_symmetry.space_group_name_H-M   'P 1'
#
loop_
_entity.id
_entity.type
_entity.pdbx_description
1 polymer 'Glutamate receptor, ionotropic kainate 1'
2 non-polymer GLYCEROL
3 non-polymer '(2R,3aR,6S,7aR)-2-[(2S)-2-amino-3-hydroxy-3-oxo-propyl]-6-hydroxy-3,3a,5,6,7,7a-hexahydrofuro[4,5-b]pyran-2-carboxylic acid'
4 non-polymer 'SULFATE ION'
5 water water
#
_entity_poly.entity_id   1
_entity_poly.type   'polypeptide(L)'
_entity_poly.pdbx_seq_one_letter_code
;ANRTLIVTTILEEPYVMYRKSDKPLYGNDRFEGYCLDLLKELSNILGFIYDVKLVPDGKYGAQNDKGEWNGMVKELIDHR
ADLAVAPLTITYVREKVIDFSKPFMTLGISILYRKGTPIDSADDLAKQTKIEYGAVRDGSTMTFFKKSKISTYEKMWAFM
SSRQQTALVRNSDEGIQRVLTTDYALLMESTSIEYVTQRNCNLTQIGGLIDSKGYGVGTPIGSPYRDKITIAILQLQEEG
KLHMMKEKWWRGNGCP
;
_entity_poly.pdbx_strand_id   A,B
#
# COMPACT_ATOMS: atom_id res chain seq x y z
N ALA A 1 1.99 32.58 -14.22
CA ALA A 1 1.92 31.59 -13.10
C ALA A 1 1.13 30.37 -13.53
N ASN A 2 1.47 29.21 -12.98
CA ASN A 2 0.69 28.00 -13.26
C ASN A 2 -0.76 28.16 -12.84
N ARG A 3 -1.67 27.69 -13.68
CA ARG A 3 -3.10 27.72 -13.41
C ARG A 3 -3.38 27.13 -12.01
N THR A 4 -4.32 27.74 -11.31
CA THR A 4 -4.76 27.22 -10.01
C THR A 4 -5.46 25.89 -10.23
N LEU A 5 -5.02 24.87 -9.53
CA LEU A 5 -5.61 23.55 -9.69
C LEU A 5 -6.92 23.46 -8.94
N ILE A 6 -7.90 22.80 -9.56
CA ILE A 6 -9.20 22.60 -8.92
C ILE A 6 -9.16 21.25 -8.24
N VAL A 7 -9.45 21.26 -6.94
CA VAL A 7 -9.44 20.03 -6.15
C VAL A 7 -10.88 19.67 -5.78
N THR A 8 -11.34 18.51 -6.21
CA THR A 8 -12.62 17.99 -5.73
C THR A 8 -12.39 17.21 -4.45
N THR A 9 -13.30 17.38 -3.50
CA THR A 9 -13.21 16.66 -2.23
C THR A 9 -14.60 16.47 -1.65
N ILE A 10 -14.65 15.92 -0.44
CA ILE A 10 -15.92 15.61 0.19
C ILE A 10 -15.71 15.73 1.70
N LEU A 11 -16.78 16.10 2.43
CA LEU A 11 -16.67 16.17 3.88
C LEU A 11 -16.63 14.76 4.45
N GLU A 12 -15.59 14.48 5.22
CA GLU A 12 -15.41 13.19 5.85
C GLU A 12 -14.42 13.34 7.00
N GLU A 13 -14.89 13.25 8.25
CA GLU A 13 -14.00 13.45 9.41
C GLU A 13 -13.04 12.26 9.54
N PRO A 14 -11.76 12.51 9.89
CA PRO A 14 -11.06 13.77 10.10
C PRO A 14 -10.22 14.18 8.87
N TYR A 15 -10.61 13.70 7.70
CA TYR A 15 -9.91 14.05 6.46
C TYR A 15 -10.22 15.45 5.98
N VAL A 16 -11.51 15.78 5.97
CA VAL A 16 -11.99 17.07 5.47
C VAL A 16 -13.18 17.45 6.33
N MET A 17 -13.07 18.61 6.98
N MET A 17 -13.08 18.59 7.01
CA MET A 17 -14.10 19.10 7.91
CA MET A 17 -14.21 19.11 7.77
C MET A 17 -14.12 20.62 7.91
C MET A 17 -14.18 20.62 7.76
N TYR A 18 -15.27 21.21 8.23
CA TYR A 18 -15.32 22.66 8.37
C TYR A 18 -14.55 23.08 9.60
N ARG A 19 -13.66 24.05 9.40
CA ARG A 19 -12.95 24.69 10.50
C ARG A 19 -13.94 25.46 11.37
N LYS A 20 -13.73 25.40 12.69
CA LYS A 20 -14.56 26.16 13.62
C LYS A 20 -13.92 27.52 13.85
N SER A 21 -14.69 28.57 13.60
CA SER A 21 -14.22 29.93 13.79
C SER A 21 -15.35 30.85 14.20
N ASP A 22 -15.01 31.86 14.98
CA ASP A 22 -15.98 32.88 15.40
C ASP A 22 -15.97 34.06 14.41
N LYS A 23 -15.11 33.96 13.39
CA LYS A 23 -14.98 34.96 12.33
C LYS A 23 -15.18 34.31 10.95
N PRO A 24 -15.58 35.11 9.94
CA PRO A 24 -15.82 34.53 8.61
C PRO A 24 -14.58 33.90 8.00
N LEU A 25 -14.78 32.74 7.37
CA LEU A 25 -13.73 32.06 6.62
C LEU A 25 -14.21 31.88 5.20
N TYR A 26 -13.30 32.07 4.25
CA TYR A 26 -13.63 31.97 2.84
C TYR A 26 -12.66 31.04 2.12
N GLY A 27 -13.13 30.49 1.01
CA GLY A 27 -12.27 29.66 0.18
C GLY A 27 -11.71 28.49 0.97
N ASN A 28 -10.45 28.18 0.74
CA ASN A 28 -9.84 26.99 1.35
C ASN A 28 -9.78 27.04 2.87
N ASP A 29 -9.79 28.26 3.41
CA ASP A 29 -9.71 28.46 4.87
C ASP A 29 -10.89 27.87 5.61
N ARG A 30 -11.99 27.60 4.90
CA ARG A 30 -13.16 26.98 5.51
C ARG A 30 -12.91 25.55 5.94
N PHE A 31 -11.85 24.94 5.42
CA PHE A 31 -11.63 23.51 5.60
C PHE A 31 -10.35 23.19 6.37
N GLU A 32 -10.39 22.08 7.08
CA GLU A 32 -9.19 21.55 7.73
C GLU A 32 -9.29 20.04 7.81
N GLY A 33 -8.17 19.39 8.09
CA GLY A 33 -8.15 17.94 8.24
C GLY A 33 -6.94 17.31 7.59
N TYR A 34 -6.85 16.00 7.73
CA TYR A 34 -5.72 15.26 7.17
C TYR A 34 -5.50 15.57 5.70
N CYS A 35 -6.58 15.59 4.93
CA CYS A 35 -6.43 15.82 3.49
C CYS A 35 -6.04 17.26 3.15
N LEU A 36 -6.44 18.21 3.98
CA LEU A 36 -6.00 19.60 3.77
C LEU A 36 -4.52 19.73 4.10
N ASP A 37 -4.07 19.07 5.16
CA ASP A 37 -2.63 19.03 5.43
C ASP A 37 -1.87 18.35 4.29
N LEU A 38 -2.42 17.24 3.78
CA LEU A 38 -1.80 16.57 2.65
C LEU A 38 -1.65 17.52 1.47
N LEU A 39 -2.72 18.27 1.18
CA LEU A 39 -2.66 19.24 0.07
C LEU A 39 -1.62 20.34 0.28
N LYS A 40 -1.48 20.82 1.52
CA LYS A 40 -0.47 21.83 1.82
C LYS A 40 0.92 21.30 1.52
N GLU A 41 1.16 20.04 1.88
CA GLU A 41 2.45 19.39 1.64
C GLU A 41 2.68 19.14 0.15
N LEU A 42 1.70 18.53 -0.52
CA LEU A 42 1.81 18.22 -1.96
C LEU A 42 2.03 19.47 -2.80
N SER A 43 1.28 20.53 -2.49
CA SER A 43 1.38 21.79 -3.25
C SER A 43 2.74 22.46 -3.08
N ASN A 44 3.32 22.38 -1.88
CA ASN A 44 4.71 22.88 -1.67
C ASN A 44 5.70 22.13 -2.55
N ILE A 45 5.55 20.81 -2.60
CA ILE A 45 6.48 19.96 -3.35
C ILE A 45 6.34 20.14 -4.86
N LEU A 46 5.11 20.29 -5.34
CA LEU A 46 4.84 20.38 -6.79
C LEU A 46 4.79 21.80 -7.34
N GLY A 47 4.61 22.78 -6.46
CA GLY A 47 4.65 24.17 -6.91
C GLY A 47 3.33 24.73 -7.44
N PHE A 48 2.23 24.46 -6.76
CA PHE A 48 0.95 25.01 -7.19
C PHE A 48 0.11 25.55 -6.04
N ILE A 49 -0.82 26.43 -6.36
CA ILE A 49 -1.94 26.73 -5.46
C ILE A 49 -3.20 26.06 -6.02
N TYR A 50 -4.23 26.00 -5.18
CA TYR A 50 -5.39 25.18 -5.50
C TYR A 50 -6.67 25.79 -4.95
N ASP A 51 -7.79 25.34 -5.49
CA ASP A 51 -9.12 25.78 -5.09
C ASP A 51 -9.90 24.53 -4.69
N VAL A 52 -10.26 24.42 -3.42
CA VAL A 52 -10.97 23.24 -2.91
C VAL A 52 -12.47 23.41 -3.11
N LYS A 53 -13.07 22.45 -3.81
CA LYS A 53 -14.50 22.50 -4.13
C LYS A 53 -15.17 21.19 -3.73
N LEU A 54 -16.15 21.26 -2.84
CA LEU A 54 -16.87 20.06 -2.43
C LEU A 54 -17.66 19.51 -3.61
N VAL A 55 -17.59 18.19 -3.78
CA VAL A 55 -18.26 17.55 -4.90
C VAL A 55 -19.77 17.84 -4.86
N PRO A 56 -20.32 18.40 -5.96
CA PRO A 56 -21.72 18.84 -5.90
C PRO A 56 -22.75 17.79 -5.49
N ASP A 57 -22.60 16.56 -5.98
CA ASP A 57 -23.59 15.52 -5.64
C ASP A 57 -23.34 14.83 -4.29
N GLY A 58 -22.25 15.18 -3.62
CA GLY A 58 -21.94 14.62 -2.30
C GLY A 58 -21.56 13.15 -2.29
N LYS A 59 -21.09 12.63 -3.43
CA LYS A 59 -20.77 11.21 -3.55
C LYS A 59 -19.31 10.95 -3.87
N TYR A 60 -18.84 9.77 -3.48
CA TYR A 60 -17.48 9.37 -3.82
C TYR A 60 -17.40 8.94 -5.28
N GLY A 61 -18.26 8.00 -5.68
CA GLY A 61 -18.37 7.64 -7.09
C GLY A 61 -18.59 6.17 -7.36
N ALA A 62 -19.67 5.89 -8.08
CA ALA A 62 -19.96 4.54 -8.56
C ALA A 62 -20.62 4.67 -9.92
N GLN A 63 -20.67 3.55 -10.63
CA GLN A 63 -21.27 3.55 -11.96
C GLN A 63 -22.60 2.82 -11.94
N ASN A 64 -23.53 3.34 -12.74
CA ASN A 64 -24.84 2.71 -12.87
C ASN A 64 -24.83 1.61 -13.94
N ASP A 65 -25.98 1.00 -14.18
CA ASP A 65 -26.14 -0.10 -15.14
C ASP A 65 -25.85 0.32 -16.59
N LYS A 66 -25.65 1.61 -16.82
CA LYS A 66 -25.30 2.16 -18.13
C LYS A 66 -23.82 2.54 -18.24
N GLY A 67 -23.08 2.32 -17.15
CA GLY A 67 -21.65 2.65 -17.11
C GLY A 67 -21.38 4.13 -16.89
N GLU A 68 -22.39 4.85 -16.39
CA GLU A 68 -22.26 6.27 -16.09
C GLU A 68 -21.86 6.49 -14.64
N TRP A 69 -20.82 7.29 -14.44
CA TRP A 69 -20.29 7.54 -13.10
C TRP A 69 -20.90 8.77 -12.44
N ASN A 70 -20.76 8.85 -11.13
CA ASN A 70 -21.13 10.03 -10.37
C ASN A 70 -20.00 10.41 -9.40
N GLY A 71 -20.26 11.39 -8.53
CA GLY A 71 -19.34 11.78 -7.47
C GLY A 71 -17.99 12.32 -7.92
N MET A 72 -16.99 12.18 -7.07
CA MET A 72 -15.66 12.70 -7.40
C MET A 72 -15.08 12.00 -8.62
N VAL A 73 -15.41 10.73 -8.81
CA VAL A 73 -14.86 10.01 -9.94
C VAL A 73 -15.35 10.68 -11.25
N LYS A 74 -16.64 11.02 -11.30
CA LYS A 74 -17.19 11.70 -12.47
C LYS A 74 -16.54 13.07 -12.67
N GLU A 75 -16.25 13.78 -11.58
CA GLU A 75 -15.61 15.09 -11.71
C GLU A 75 -14.25 14.97 -12.41
N LEU A 76 -13.52 13.90 -12.11
CA LEU A 76 -12.25 13.62 -12.76
C LEU A 76 -12.43 13.17 -14.22
N ILE A 77 -13.34 12.23 -14.46
CA ILE A 77 -13.58 11.75 -15.83
C ILE A 77 -13.93 12.92 -16.75
N ASP A 78 -14.75 13.81 -16.25
CA ASP A 78 -15.24 14.94 -17.03
C ASP A 78 -14.30 16.15 -16.99
N HIS A 79 -13.12 15.98 -16.40
CA HIS A 79 -12.14 17.06 -16.29
C HIS A 79 -12.75 18.34 -15.69
N ARG A 80 -13.57 18.18 -14.66
CA ARG A 80 -14.10 19.29 -13.89
C ARG A 80 -13.13 19.64 -12.76
N ALA A 81 -12.28 18.70 -12.39
CA ALA A 81 -11.28 18.91 -11.35
C ALA A 81 -9.95 18.37 -11.85
N ASP A 82 -8.86 18.93 -11.34
CA ASP A 82 -7.52 18.44 -11.64
C ASP A 82 -7.14 17.28 -10.73
N LEU A 83 -7.57 17.35 -9.49
CA LEU A 83 -7.21 16.34 -8.49
C LEU A 83 -8.40 16.08 -7.59
N ALA A 84 -8.51 14.84 -7.11
CA ALA A 84 -9.42 14.51 -6.01
C ALA A 84 -8.56 14.16 -4.80
N VAL A 85 -8.66 14.96 -3.74
CA VAL A 85 -7.88 14.72 -2.51
C VAL A 85 -8.87 14.50 -1.40
N ALA A 86 -9.02 13.23 -1.04
CA ALA A 86 -10.09 12.76 -0.18
C ALA A 86 -9.70 11.36 0.25
N PRO A 87 -10.44 10.77 1.22
CA PRO A 87 -10.27 9.34 1.48
C PRO A 87 -10.92 8.52 0.36
N LEU A 88 -10.24 8.53 -0.81
CA LEU A 88 -10.77 7.97 -2.05
C LEU A 88 -10.11 6.64 -2.31
N THR A 89 -10.91 5.58 -2.27
CA THR A 89 -10.39 4.22 -2.32
C THR A 89 -9.94 3.84 -3.73
N ILE A 90 -8.74 3.29 -3.81
CA ILE A 90 -8.15 2.81 -5.04
C ILE A 90 -8.74 1.42 -5.34
N THR A 91 -9.51 1.35 -6.43
CA THR A 91 -10.19 0.13 -6.82
C THR A 91 -9.95 -0.18 -8.29
N TYR A 92 -10.08 -1.46 -8.65
CA TYR A 92 -9.94 -1.91 -10.03
C TYR A 92 -10.90 -1.17 -10.96
N VAL A 93 -12.17 -1.09 -10.60
CA VAL A 93 -13.15 -0.43 -11.48
C VAL A 93 -12.84 1.06 -11.70
N ARG A 94 -12.39 1.74 -10.66
CA ARG A 94 -12.06 3.15 -10.77
C ARG A 94 -10.75 3.36 -11.53
N GLU A 95 -9.77 2.49 -11.29
CA GLU A 95 -8.46 2.62 -11.95
C GLU A 95 -8.56 2.54 -13.47
N LYS A 96 -9.60 1.88 -13.97
CA LYS A 96 -9.80 1.77 -15.43
C LYS A 96 -10.27 3.10 -16.03
N VAL A 97 -10.80 3.99 -15.20
CA VAL A 97 -11.39 5.24 -15.69
C VAL A 97 -10.73 6.54 -15.25
N ILE A 98 -9.93 6.47 -14.18
CA ILE A 98 -9.13 7.60 -13.68
C ILE A 98 -7.72 7.11 -13.38
N ASP A 99 -6.81 8.04 -13.11
CA ASP A 99 -5.44 7.70 -12.69
C ASP A 99 -5.30 7.98 -11.22
N PHE A 100 -4.97 6.98 -10.43
CA PHE A 100 -4.67 7.20 -9.01
C PHE A 100 -3.18 7.35 -8.75
N SER A 101 -2.83 8.19 -7.77
CA SER A 101 -1.49 8.18 -7.21
C SER A 101 -1.29 6.86 -6.45
N LYS A 102 -0.04 6.59 -6.09
CA LYS A 102 0.27 5.55 -5.10
C LYS A 102 -0.47 5.87 -3.79
N PRO A 103 -0.76 4.83 -2.99
CA PRO A 103 -1.58 5.06 -1.80
C PRO A 103 -0.88 5.89 -0.72
N PHE A 104 -1.67 6.69 -0.01
CA PHE A 104 -1.15 7.42 1.16
C PHE A 104 -1.62 6.82 2.49
N MET A 105 -2.51 5.82 2.44
CA MET A 105 -3.01 5.17 3.64
C MET A 105 -3.60 3.82 3.22
N THR A 106 -3.56 2.84 4.12
CA THR A 106 -4.23 1.57 3.85
C THR A 106 -5.30 1.33 4.91
N LEU A 107 -6.26 0.48 4.57
CA LEU A 107 -7.45 0.25 5.40
C LEU A 107 -8.19 -0.95 4.85
N GLY A 108 -9.25 -1.34 5.54
CA GLY A 108 -10.15 -2.37 5.04
C GLY A 108 -11.56 -2.13 5.52
N ILE A 109 -12.52 -2.76 4.85
CA ILE A 109 -13.91 -2.69 5.28
C ILE A 109 -14.08 -3.48 6.57
N SER A 110 -14.84 -2.92 7.50
CA SER A 110 -15.29 -3.65 8.68
C SER A 110 -16.70 -3.18 9.03
N ILE A 111 -17.18 -3.54 10.21
CA ILE A 111 -18.57 -3.26 10.62
C ILE A 111 -18.57 -2.36 11.84
N LEU A 112 -19.38 -1.30 11.79
CA LEU A 112 -19.64 -0.43 12.94
C LEU A 112 -21.02 -0.74 13.48
N TYR A 113 -21.09 -0.97 14.79
CA TYR A 113 -22.39 -1.16 15.44
C TYR A 113 -22.33 -0.63 16.87
N ARG A 114 -23.45 -0.71 17.58
CA ARG A 114 -23.48 -0.40 19.00
C ARG A 114 -22.95 -1.60 19.78
N LYS A 115 -22.75 -1.40 21.07
CA LYS A 115 -22.28 -2.47 21.92
C LYS A 115 -23.45 -3.34 22.39
N GLY A 116 -23.15 -4.56 22.81
CA GLY A 116 -24.14 -5.39 23.51
C GLY A 116 -24.72 -6.61 22.82
N THR A 117 -24.31 -6.88 21.59
CA THR A 117 -24.84 -8.05 20.85
C THR A 117 -23.80 -9.16 20.68
N PRO A 118 -24.25 -10.40 20.42
CA PRO A 118 -23.30 -11.50 20.21
C PRO A 118 -22.71 -11.54 18.81
N ILE A 119 -23.03 -10.55 17.97
CA ILE A 119 -22.55 -10.54 16.59
C ILE A 119 -21.06 -10.29 16.57
N ASP A 120 -20.32 -11.22 15.98
CA ASP A 120 -18.87 -11.19 16.04
C ASP A 120 -18.20 -11.17 14.66
N SER A 121 -19.01 -11.19 13.60
CA SER A 121 -18.48 -11.26 12.23
C SER A 121 -19.54 -10.93 11.19
N ALA A 122 -19.11 -10.73 9.95
CA ALA A 122 -20.05 -10.54 8.84
C ALA A 122 -20.93 -11.77 8.64
N ASP A 123 -20.35 -12.96 8.76
CA ASP A 123 -21.14 -14.21 8.72
C ASP A 123 -22.29 -14.16 9.73
N ASP A 124 -21.96 -13.78 10.97
CA ASP A 124 -22.96 -13.65 12.01
C ASP A 124 -24.02 -12.62 11.63
N LEU A 125 -23.56 -11.47 11.13
CA LEU A 125 -24.44 -10.37 10.77
C LEU A 125 -25.40 -10.75 9.64
N ALA A 126 -24.88 -11.44 8.62
CA ALA A 126 -25.70 -11.83 7.45
C ALA A 126 -26.73 -12.88 7.83
N LYS A 127 -26.37 -13.73 8.79
CA LYS A 127 -27.18 -14.87 9.15
C LYS A 127 -28.35 -14.46 10.03
N GLN A 128 -28.09 -13.60 11.01
CA GLN A 128 -29.14 -13.14 11.94
C GLN A 128 -30.15 -12.23 11.22
N THR A 129 -31.30 -12.05 11.85
CA THR A 129 -32.40 -11.33 11.21
C THR A 129 -32.97 -10.19 12.05
N LYS A 130 -32.26 -9.80 13.10
CA LYS A 130 -32.72 -8.71 13.99
C LYS A 130 -32.13 -7.33 13.61
N ILE A 131 -30.85 -7.34 13.25
CA ILE A 131 -30.11 -6.11 12.93
C ILE A 131 -30.05 -5.93 11.41
N GLU A 132 -30.46 -4.75 10.94
CA GLU A 132 -30.38 -4.37 9.52
C GLU A 132 -28.96 -3.87 9.29
N TYR A 133 -28.51 -3.80 8.03
CA TYR A 133 -27.17 -3.29 7.75
C TYR A 133 -27.10 -2.71 6.35
N GLY A 134 -26.09 -1.89 6.11
CA GLY A 134 -25.90 -1.30 4.80
C GLY A 134 -24.58 -0.59 4.73
N ALA A 135 -24.48 0.31 3.76
CA ALA A 135 -23.27 1.06 3.47
C ALA A 135 -23.66 2.43 2.94
N VAL A 136 -22.69 3.33 2.82
CA VAL A 136 -22.94 4.60 2.15
C VAL A 136 -23.19 4.35 0.65
N ARG A 137 -24.23 4.95 0.10
CA ARG A 137 -24.56 4.76 -1.31
C ARG A 137 -23.47 5.36 -2.18
N ASP A 138 -23.09 4.61 -3.22
CA ASP A 138 -22.22 5.07 -4.29
C ASP A 138 -20.77 5.31 -3.88
N GLY A 139 -20.33 4.54 -2.88
CA GLY A 139 -18.92 4.46 -2.49
C GLY A 139 -18.36 3.08 -2.81
N SER A 140 -17.08 2.90 -2.48
CA SER A 140 -16.39 1.65 -2.75
C SER A 140 -16.84 0.49 -1.87
N THR A 141 -17.35 0.77 -0.68
CA THR A 141 -17.86 -0.29 0.18
C THR A 141 -19.12 -0.88 -0.44
N MET A 142 -20.05 -0.02 -0.86
CA MET A 142 -21.23 -0.51 -1.59
C MET A 142 -20.77 -1.35 -2.80
N THR A 143 -19.80 -0.84 -3.54
CA THR A 143 -19.34 -1.51 -4.76
C THR A 143 -18.68 -2.87 -4.45
N PHE A 144 -17.98 -2.94 -3.32
CA PHE A 144 -17.35 -4.19 -2.88
C PHE A 144 -18.41 -5.27 -2.76
N PHE A 145 -19.51 -4.92 -2.10
CA PHE A 145 -20.59 -5.89 -1.96
C PHE A 145 -21.27 -6.24 -3.28
N LYS A 146 -21.51 -5.23 -4.10
CA LYS A 146 -22.17 -5.41 -5.39
C LYS A 146 -21.38 -6.38 -6.30
N LYS A 147 -20.05 -6.33 -6.19
CA LYS A 147 -19.17 -7.11 -7.07
C LYS A 147 -18.72 -8.44 -6.49
N SER A 148 -18.95 -8.64 -5.19
CA SER A 148 -18.41 -9.83 -4.52
C SER A 148 -18.95 -11.14 -5.08
N LYS A 149 -18.08 -12.15 -5.14
CA LYS A 149 -18.47 -13.52 -5.48
C LYS A 149 -18.38 -14.43 -4.25
N ILE A 150 -18.14 -13.83 -3.08
CA ILE A 150 -18.12 -14.57 -1.83
C ILE A 150 -19.56 -14.67 -1.32
N SER A 151 -20.02 -15.88 -1.04
CA SER A 151 -21.44 -16.12 -0.76
C SER A 151 -22.03 -15.22 0.32
N THR A 152 -21.34 -15.10 1.46
CA THR A 152 -21.83 -14.25 2.55
C THR A 152 -22.06 -12.83 2.05
N TYR A 153 -21.09 -12.32 1.30
CA TYR A 153 -21.16 -10.94 0.82
C TYR A 153 -22.16 -10.76 -0.32
N GLU A 154 -22.35 -11.79 -1.15
CA GLU A 154 -23.41 -11.79 -2.15
C GLU A 154 -24.79 -11.69 -1.49
N LYS A 155 -24.99 -12.44 -0.40
CA LYS A 155 -26.23 -12.36 0.36
C LYS A 155 -26.40 -10.98 0.97
N MET A 156 -25.32 -10.46 1.54
CA MET A 156 -25.36 -9.11 2.11
C MET A 156 -25.69 -8.04 1.06
N TRP A 157 -25.12 -8.17 -0.13
CA TRP A 157 -25.48 -7.26 -1.23
C TRP A 157 -26.95 -7.38 -1.61
N ALA A 158 -27.45 -8.60 -1.78
CA ALA A 158 -28.85 -8.78 -2.09
C ALA A 158 -29.73 -8.12 -1.04
N PHE A 159 -29.36 -8.27 0.23
CA PHE A 159 -30.13 -7.67 1.32
C PHE A 159 -30.12 -6.14 1.22
N MET A 160 -28.91 -5.56 1.12
CA MET A 160 -28.75 -4.09 1.01
C MET A 160 -29.50 -3.51 -0.16
N SER A 161 -29.40 -4.20 -1.29
CA SER A 161 -30.02 -3.77 -2.53
C SER A 161 -31.54 -3.88 -2.51
N SER A 162 -32.05 -4.90 -1.80
CA SER A 162 -33.50 -5.12 -1.68
C SER A 162 -34.12 -4.02 -0.83
N ARG A 163 -33.35 -3.61 0.18
CA ARG A 163 -33.73 -2.54 1.09
C ARG A 163 -32.88 -1.32 0.78
N GLN A 164 -32.64 -1.04 -0.50
CA GLN A 164 -31.74 0.07 -0.88
C GLN A 164 -32.21 1.42 -0.36
N GLN A 165 -33.50 1.71 -0.52
CA GLN A 165 -34.08 2.96 -0.03
C GLN A 165 -33.82 3.08 1.47
N THR A 166 -33.92 1.93 2.15
CA THR A 166 -33.69 1.86 3.58
C THR A 166 -32.21 1.69 3.92
N ALA A 167 -31.58 0.65 3.38
CA ALA A 167 -30.27 0.19 3.86
C ALA A 167 -29.05 1.04 3.43
N LEU A 168 -29.14 1.70 2.27
CA LEU A 168 -28.01 2.49 1.77
C LEU A 168 -28.17 3.95 2.13
N VAL A 169 -27.25 4.46 2.92
CA VAL A 169 -27.35 5.81 3.49
C VAL A 169 -26.63 6.83 2.60
N ARG A 170 -27.00 8.10 2.76
CA ARG A 170 -26.48 9.17 1.89
C ARG A 170 -25.00 9.47 2.16
N ASN A 171 -24.61 9.38 3.42
CA ASN A 171 -23.26 9.68 3.84
C ASN A 171 -22.96 9.02 5.17
N SER A 172 -21.71 9.13 5.62
CA SER A 172 -21.29 8.48 6.84
C SER A 172 -22.03 9.02 8.08
N ASP A 173 -22.31 10.31 8.12
CA ASP A 173 -23.07 10.88 9.24
C ASP A 173 -24.47 10.28 9.39
N GLU A 174 -25.18 10.11 8.28
CA GLU A 174 -26.49 9.46 8.32
C GLU A 174 -26.36 8.02 8.79
N GLY A 175 -25.33 7.33 8.30
CA GLY A 175 -25.08 5.95 8.69
C GLY A 175 -24.83 5.84 10.17
N ILE A 176 -23.98 6.72 10.71
CA ILE A 176 -23.65 6.67 12.13
C ILE A 176 -24.89 7.00 12.98
N GLN A 177 -25.65 8.02 12.58
CA GLN A 177 -26.91 8.30 13.27
C GLN A 177 -27.86 7.09 13.28
N ARG A 178 -27.91 6.38 12.17
CA ARG A 178 -28.73 5.18 12.07
C ARG A 178 -28.27 4.05 13.01
N VAL A 179 -26.95 3.89 13.11
CA VAL A 179 -26.34 2.93 14.05
C VAL A 179 -26.71 3.29 15.49
N LEU A 180 -26.68 4.59 15.80
CA LEU A 180 -26.92 5.03 17.17
C LEU A 180 -28.39 4.96 17.59
N THR A 181 -29.30 5.07 16.63
CA THR A 181 -30.72 5.26 16.95
C THR A 181 -31.66 4.14 16.50
N THR A 182 -31.16 3.22 15.67
CA THR A 182 -31.95 2.08 15.20
C THR A 182 -31.10 0.81 15.24
N ASP A 183 -31.72 -0.33 14.97
CA ASP A 183 -31.00 -1.61 14.94
C ASP A 183 -30.40 -1.80 13.55
N TYR A 184 -29.27 -1.12 13.35
CA TYR A 184 -28.61 -1.02 12.06
C TYR A 184 -27.11 -1.00 12.26
N ALA A 185 -26.39 -1.80 11.48
CA ALA A 185 -24.93 -1.82 11.45
C ALA A 185 -24.45 -1.23 10.12
N LEU A 186 -23.37 -0.46 10.19
CA LEU A 186 -22.82 0.21 9.02
C LEU A 186 -21.53 -0.46 8.58
N LEU A 187 -21.47 -0.86 7.32
CA LEU A 187 -20.22 -1.35 6.72
C LEU A 187 -19.42 -0.14 6.30
N MET A 188 -18.18 -0.05 6.79
CA MET A 188 -17.38 1.14 6.51
C MET A 188 -15.90 0.85 6.74
N GLU A 189 -15.07 1.82 6.35
CA GLU A 189 -13.64 1.60 6.32
C GLU A 189 -13.01 1.76 7.71
N SER A 190 -12.02 0.91 7.96
CA SER A 190 -11.47 0.72 9.30
C SER A 190 -10.87 1.95 9.95
N THR A 191 -10.25 2.80 9.14
CA THR A 191 -9.64 4.02 9.67
C THR A 191 -10.72 4.98 10.19
N SER A 192 -11.90 4.98 9.56
CA SER A 192 -13.03 5.77 10.05
C SER A 192 -13.65 5.14 11.31
N ILE A 193 -13.71 3.82 11.36
CA ILE A 193 -14.18 3.12 12.55
C ILE A 193 -13.27 3.45 13.74
N GLU A 194 -11.96 3.40 13.51
CA GLU A 194 -10.95 3.73 14.53
C GLU A 194 -11.19 5.14 15.07
N TYR A 195 -11.46 6.08 14.17
CA TYR A 195 -11.70 7.46 14.56
C TYR A 195 -12.96 7.60 15.43
N VAL A 196 -14.08 7.05 14.97
CA VAL A 196 -15.34 7.29 15.66
C VAL A 196 -15.45 6.54 16.98
N THR A 197 -14.89 5.34 17.03
CA THR A 197 -15.00 4.52 18.25
C THR A 197 -14.09 5.03 19.36
N GLN A 198 -13.15 5.92 19.03
CA GLN A 198 -12.38 6.58 20.11
C GLN A 198 -13.01 7.90 20.57
N ARG A 199 -14.15 8.23 19.97
CA ARG A 199 -14.86 9.48 20.27
C ARG A 199 -16.26 9.30 20.82
N ASN A 200 -16.94 8.25 20.37
CA ASN A 200 -18.23 7.87 20.91
C ASN A 200 -18.13 6.47 21.47
N CYS A 201 -18.18 6.35 22.80
CA CYS A 201 -17.94 5.08 23.44
C CYS A 201 -19.13 4.11 23.39
N ASN A 202 -20.22 4.54 22.75
CA ASN A 202 -21.34 3.63 22.50
C ASN A 202 -21.13 2.81 21.23
N LEU A 203 -20.14 3.18 20.44
CA LEU A 203 -19.86 2.51 19.16
C LEU A 203 -18.71 1.52 19.26
N THR A 204 -18.76 0.49 18.42
CA THR A 204 -17.71 -0.52 18.40
C THR A 204 -17.56 -1.13 17.02
N GLN A 205 -16.37 -1.66 16.76
CA GLN A 205 -16.14 -2.46 15.55
C GLN A 205 -16.60 -3.90 15.80
N ILE A 206 -17.23 -4.51 14.81
CA ILE A 206 -17.62 -5.92 14.86
C ILE A 206 -16.75 -6.71 13.88
N GLY A 207 -16.05 -7.71 14.40
CA GLY A 207 -15.17 -8.53 13.58
C GLY A 207 -13.91 -7.80 13.15
N GLY A 208 -13.20 -8.39 12.19
CA GLY A 208 -11.97 -7.81 11.70
C GLY A 208 -12.17 -7.15 10.36
N LEU A 209 -11.08 -7.02 9.61
CA LEU A 209 -11.14 -6.42 8.28
C LEU A 209 -11.51 -7.50 7.26
N ILE A 210 -12.43 -7.14 6.36
CA ILE A 210 -12.91 -8.06 5.33
C ILE A 210 -12.11 -7.97 4.01
N ASP A 211 -11.38 -6.88 3.85
CA ASP A 211 -10.47 -6.72 2.72
C ASP A 211 -9.31 -5.79 3.11
N SER A 212 -8.45 -5.48 2.15
CA SER A 212 -7.34 -4.56 2.39
C SER A 212 -7.12 -3.80 1.10
N LYS A 213 -6.99 -2.47 1.21
CA LYS A 213 -6.80 -1.61 0.04
C LYS A 213 -6.27 -0.27 0.48
N GLY A 214 -6.09 0.65 -0.47
CA GLY A 214 -5.49 1.95 -0.16
C GLY A 214 -6.33 3.14 -0.58
N TYR A 215 -6.01 4.29 -0.02
CA TYR A 215 -6.50 5.58 -0.50
C TYR A 215 -5.45 6.22 -1.37
N GLY A 216 -5.89 6.84 -2.46
CA GLY A 216 -4.95 7.58 -3.31
C GLY A 216 -5.55 8.89 -3.79
N VAL A 217 -4.69 9.78 -4.28
CA VAL A 217 -5.14 11.00 -4.90
C VAL A 217 -5.58 10.64 -6.34
N GLY A 218 -6.77 11.07 -6.73
CA GLY A 218 -7.27 10.78 -8.07
C GLY A 218 -6.97 11.91 -9.03
N THR A 219 -6.68 11.54 -10.27
CA THR A 219 -6.53 12.53 -11.34
C THR A 219 -7.22 11.99 -12.59
N PRO A 220 -7.59 12.87 -13.55
CA PRO A 220 -8.12 12.32 -14.80
C PRO A 220 -7.07 11.45 -15.50
N ILE A 221 -7.51 10.46 -16.27
CA ILE A 221 -6.59 9.62 -17.04
C ILE A 221 -5.68 10.50 -17.88
N GLY A 222 -4.38 10.19 -17.84
CA GLY A 222 -3.41 10.92 -18.63
C GLY A 222 -2.91 12.19 -18.00
N SER A 223 -3.37 12.50 -16.78
CA SER A 223 -2.95 13.73 -16.12
C SER A 223 -1.44 13.77 -15.94
N PRO A 224 -0.82 14.92 -16.26
CA PRO A 224 0.62 15.06 -16.05
C PRO A 224 0.97 15.24 -14.57
N TYR A 225 -0.04 15.44 -13.72
CA TYR A 225 0.20 15.58 -12.30
C TYR A 225 0.29 14.26 -11.53
N ARG A 226 -0.27 13.17 -12.07
CA ARG A 226 -0.39 11.94 -11.26
C ARG A 226 0.98 11.42 -10.82
N ASP A 227 1.91 11.30 -11.75
CA ASP A 227 3.24 10.79 -11.39
C ASP A 227 3.97 11.73 -10.43
N LYS A 228 3.80 13.04 -10.60
CA LYS A 228 4.41 14.00 -9.68
C LYS A 228 3.81 13.87 -8.28
N ILE A 229 2.49 13.65 -8.22
CA ILE A 229 1.81 13.45 -6.94
CA ILE A 229 1.78 13.44 -6.96
C ILE A 229 2.27 12.15 -6.29
N THR A 230 2.44 11.09 -7.09
CA THR A 230 2.95 9.83 -6.55
C THR A 230 4.33 10.01 -5.95
N ILE A 231 5.18 10.74 -6.66
CA ILE A 231 6.55 10.96 -6.18
C ILE A 231 6.52 11.75 -4.86
N ALA A 232 5.67 12.78 -4.80
CA ALA A 232 5.50 13.57 -3.58
C ALA A 232 4.96 12.73 -2.41
N ILE A 233 3.99 11.85 -2.69
CA ILE A 233 3.47 10.96 -1.65
C ILE A 233 4.56 10.05 -1.10
N LEU A 234 5.38 9.50 -1.99
CA LEU A 234 6.47 8.64 -1.54
C LEU A 234 7.48 9.39 -0.69
N GLN A 235 7.76 10.64 -1.06
CA GLN A 235 8.60 11.53 -0.25
C GLN A 235 8.01 11.69 1.16
N LEU A 236 6.72 12.02 1.25
CA LEU A 236 6.08 12.23 2.53
C LEU A 236 6.04 10.95 3.36
N GLN A 237 5.83 9.82 2.67
CA GLN A 237 5.80 8.51 3.30
C GLN A 237 7.15 8.24 3.95
N GLU A 238 8.21 8.34 3.15
CA GLU A 238 9.54 8.00 3.61
C GLU A 238 10.06 8.95 4.69
N GLU A 239 9.64 10.21 4.63
CA GLU A 239 10.06 11.22 5.61
C GLU A 239 9.29 11.10 6.92
N GLY A 240 8.28 10.23 6.96
CA GLY A 240 7.51 10.03 8.18
C GLY A 240 6.37 11.03 8.34
N LYS A 241 6.20 11.90 7.35
CA LYS A 241 5.19 12.96 7.42
CA LYS A 241 5.18 12.95 7.44
C LYS A 241 3.75 12.42 7.38
N LEU A 242 3.52 11.38 6.58
CA LEU A 242 2.17 10.80 6.53
C LEU A 242 1.79 10.18 7.88
N HIS A 243 2.77 9.51 8.50
CA HIS A 243 2.58 8.94 9.83
C HIS A 243 2.27 10.02 10.86
N MET A 244 3.01 11.13 10.81
CA MET A 244 2.79 12.25 11.71
CA MET A 244 2.78 12.26 11.71
C MET A 244 1.41 12.87 11.50
N MET A 245 0.99 12.95 10.23
CA MET A 245 -0.33 13.51 9.93
C MET A 245 -1.43 12.62 10.48
N LYS A 246 -1.24 11.31 10.42
CA LYS A 246 -2.25 10.38 10.95
C LYS A 246 -2.35 10.55 12.46
N GLU A 247 -1.19 10.63 13.12
CA GLU A 247 -1.17 10.83 14.56
C GLU A 247 -1.86 12.13 14.96
N LYS A 248 -1.62 13.19 14.18
CA LYS A 248 -2.20 14.51 14.48
C LYS A 248 -3.73 14.47 14.44
N TRP A 249 -4.27 13.81 13.42
CA TRP A 249 -5.71 13.86 13.21
C TRP A 249 -6.53 12.77 13.87
N TRP A 250 -5.88 11.69 14.31
CA TRP A 250 -6.56 10.60 15.03
C TRP A 250 -6.40 10.64 16.57
N ARG A 251 -5.31 11.21 17.07
CA ARG A 251 -5.05 11.30 18.52
C ARG A 251 -6.21 11.97 19.28
N GLY A 252 -6.49 11.54 20.51
CA GLY A 252 -5.88 10.38 21.17
C GLY A 252 -6.94 9.59 21.92
N ASN A 253 -6.59 8.37 22.32
CA ASN A 253 -7.54 7.38 22.90
C ASN A 253 -8.57 7.90 23.91
N GLY A 254 -9.85 7.73 23.56
CA GLY A 254 -10.94 8.27 24.35
C GLY A 254 -11.89 7.28 24.99
N CYS A 255 -11.81 6.00 24.62
CA CYS A 255 -12.76 4.99 25.12
C CYS A 255 -12.08 3.71 25.60
N PRO A 256 -12.67 3.04 26.60
CA PRO A 256 -12.14 1.74 27.04
C PRO A 256 -12.26 0.67 25.97
N ALA B 1 1.95 -11.79 -33.64
CA ALA B 1 1.77 -11.93 -32.17
C ALA B 1 2.42 -10.76 -31.43
N ASN B 2 1.87 -10.42 -30.26
CA ASN B 2 2.49 -9.40 -29.41
C ASN B 2 3.91 -9.84 -29.07
N ARG B 3 4.86 -8.89 -29.10
CA ARG B 3 6.27 -9.19 -28.79
C ARG B 3 6.37 -9.82 -27.41
N THR B 4 7.22 -10.85 -27.29
CA THR B 4 7.46 -11.50 -25.99
C THR B 4 8.15 -10.52 -25.07
N LEU B 5 7.56 -10.33 -23.88
CA LEU B 5 8.10 -9.34 -22.94
C LEU B 5 9.31 -9.89 -22.22
N ILE B 6 10.33 -9.06 -22.05
CA ILE B 6 11.51 -9.45 -21.29
C ILE B 6 11.30 -9.03 -19.85
N VAL B 7 11.41 -10.01 -18.96
CA VAL B 7 11.24 -9.78 -17.54
C VAL B 7 12.58 -9.88 -16.84
N THR B 8 13.01 -8.81 -16.18
CA THR B 8 14.19 -8.87 -15.33
C THR B 8 13.75 -9.29 -13.92
N THR B 9 14.54 -10.15 -13.29
CA THR B 9 14.22 -10.59 -11.95
C THR B 9 15.51 -10.98 -11.23
N ILE B 10 15.36 -11.49 -10.03
CA ILE B 10 16.50 -11.79 -9.17
C ILE B 10 16.13 -12.97 -8.30
N LEU B 11 17.10 -13.81 -7.93
CA LEU B 11 16.81 -14.91 -7.02
C LEU B 11 16.58 -14.36 -5.61
N GLU B 12 15.44 -14.74 -5.04
CA GLU B 12 15.06 -14.31 -3.70
C GLU B 12 13.91 -15.20 -3.21
N GLU B 13 14.19 -16.12 -2.30
CA GLU B 13 13.17 -17.03 -1.78
C GLU B 13 12.14 -16.26 -0.96
N PRO B 14 10.84 -16.62 -1.07
CA PRO B 14 10.19 -17.57 -1.96
C PRO B 14 9.57 -16.91 -3.19
N TYR B 15 10.06 -15.73 -3.55
CA TYR B 15 9.60 -15.00 -4.73
C TYR B 15 10.07 -15.61 -6.04
N VAL B 16 11.36 -15.89 -6.13
CA VAL B 16 12.00 -16.44 -7.32
C VAL B 16 13.09 -17.40 -6.85
N MET B 17 12.99 -18.67 -7.23
CA MET B 17 14.01 -19.66 -6.90
C MET B 17 14.10 -20.67 -8.03
N TYR B 18 15.21 -21.39 -8.07
CA TYR B 18 15.32 -22.50 -8.99
C TYR B 18 14.46 -23.66 -8.52
N ARG B 19 13.64 -24.17 -9.42
CA ARG B 19 12.85 -25.37 -9.18
C ARG B 19 13.76 -26.57 -9.01
N LYS B 20 13.44 -27.44 -8.04
CA LYS B 20 14.17 -28.69 -7.84
C LYS B 20 13.80 -29.67 -8.95
N SER B 21 14.81 -30.35 -9.50
CA SER B 21 14.58 -31.28 -10.61
C SER B 21 15.63 -32.38 -10.67
N ASP B 22 15.22 -33.54 -11.18
CA ASP B 22 16.11 -34.66 -11.43
C ASP B 22 16.86 -34.49 -12.75
N LYS B 23 16.35 -33.61 -13.60
CA LYS B 23 16.90 -33.35 -14.93
C LYS B 23 17.21 -31.86 -15.12
N PRO B 24 18.06 -31.52 -16.11
CA PRO B 24 18.33 -30.10 -16.39
C PRO B 24 17.08 -29.35 -16.86
N LEU B 25 16.88 -28.15 -16.33
CA LEU B 25 15.75 -27.31 -16.73
C LEU B 25 16.22 -26.12 -17.56
N TYR B 26 15.36 -25.67 -18.48
CA TYR B 26 15.68 -24.57 -19.37
C TYR B 26 14.58 -23.51 -19.40
N GLY B 27 14.96 -22.29 -19.76
CA GLY B 27 13.99 -21.21 -19.95
C GLY B 27 13.27 -20.86 -18.66
N ASN B 28 12.00 -20.50 -18.78
CA ASN B 28 11.23 -20.10 -17.59
C ASN B 28 11.01 -21.25 -16.62
N ASP B 29 11.08 -22.49 -17.12
CA ASP B 29 10.89 -23.68 -16.29
C ASP B 29 11.93 -23.83 -15.20
N ARG B 30 13.05 -23.14 -15.33
CA ARG B 30 14.07 -23.16 -14.29
C ARG B 30 13.54 -22.62 -12.96
N PHE B 31 12.54 -21.72 -13.04
CA PHE B 31 12.13 -20.92 -11.88
C PHE B 31 10.74 -21.23 -11.36
N GLU B 32 10.56 -21.01 -10.06
CA GLU B 32 9.25 -21.06 -9.44
C GLU B 32 9.22 -20.07 -8.28
N GLY B 33 8.04 -19.80 -7.76
CA GLY B 33 7.90 -18.87 -6.64
C GLY B 33 6.74 -17.92 -6.79
N TYR B 34 6.52 -17.12 -5.76
CA TYR B 34 5.43 -16.14 -5.72
C TYR B 34 5.43 -15.26 -6.96
N CYS B 35 6.61 -14.77 -7.34
CA CYS B 35 6.69 -13.86 -8.48
C CYS B 35 6.44 -14.55 -9.82
N LEU B 36 6.81 -15.83 -9.92
CA LEU B 36 6.48 -16.61 -11.11
C LEU B 36 4.97 -16.82 -11.21
N ASP B 37 4.30 -17.11 -10.09
CA ASP B 37 2.85 -17.24 -10.10
C ASP B 37 2.19 -15.90 -10.44
N LEU B 38 2.75 -14.82 -9.91
CA LEU B 38 2.24 -13.47 -10.22
C LEU B 38 2.30 -13.23 -11.73
N LEU B 39 3.43 -13.59 -12.34
CA LEU B 39 3.59 -13.44 -13.78
C LEU B 39 2.58 -14.27 -14.58
N LYS B 40 2.33 -15.49 -14.13
CA LYS B 40 1.34 -16.34 -14.80
C LYS B 40 -0.04 -15.69 -14.79
N GLU B 41 -0.40 -15.08 -13.66
CA GLU B 41 -1.68 -14.40 -13.52
C GLU B 41 -1.73 -13.11 -14.34
N LEU B 42 -0.72 -12.26 -14.18
CA LEU B 42 -0.66 -10.99 -14.90
C LEU B 42 -0.72 -11.18 -16.42
N SER B 43 0.08 -12.12 -16.91
CA SER B 43 0.15 -12.40 -18.35
C SER B 43 -1.16 -12.92 -18.92
N ASN B 44 -1.88 -13.74 -18.14
CA ASN B 44 -3.24 -14.16 -18.55
C ASN B 44 -4.14 -12.96 -18.72
N ILE B 45 -4.08 -12.02 -17.78
CA ILE B 45 -4.96 -10.87 -17.78
C ILE B 45 -4.62 -9.87 -18.89
N LEU B 46 -3.34 -9.72 -19.20
CA LEU B 46 -2.87 -8.70 -20.17
C LEU B 46 -2.63 -9.25 -21.58
N GLY B 47 -2.55 -10.58 -21.71
CA GLY B 47 -2.43 -11.22 -23.02
C GLY B 47 -1.01 -11.26 -23.58
N PHE B 48 -0.03 -11.63 -22.75
CA PHE B 48 1.34 -11.76 -23.26
C PHE B 48 2.03 -13.03 -22.76
N ILE B 49 3.06 -13.44 -23.47
CA ILE B 49 4.06 -14.35 -22.92
C ILE B 49 5.34 -13.58 -22.64
N TYR B 50 6.27 -14.21 -21.94
CA TYR B 50 7.41 -13.50 -21.38
C TYR B 50 8.63 -14.39 -21.24
N ASP B 51 9.78 -13.75 -21.15
CA ASP B 51 11.07 -14.40 -21.05
C ASP B 51 11.70 -13.91 -19.76
N VAL B 52 11.87 -14.80 -18.78
CA VAL B 52 12.47 -14.45 -17.48
C VAL B 52 13.98 -14.47 -17.55
N LYS B 53 14.59 -13.34 -17.20
CA LYS B 53 16.04 -13.20 -17.28
C LYS B 53 16.60 -12.66 -15.98
N LEU B 54 17.46 -13.42 -15.32
CA LEU B 54 18.09 -12.95 -14.08
C LEU B 54 18.97 -11.75 -14.35
N VAL B 55 18.86 -10.73 -13.49
CA VAL B 55 19.64 -9.52 -13.66
C VAL B 55 21.14 -9.88 -13.63
N PRO B 56 21.89 -9.51 -14.69
CA PRO B 56 23.30 -9.94 -14.74
C PRO B 56 24.15 -9.59 -13.51
N ASP B 57 24.01 -8.38 -12.97
CA ASP B 57 24.84 -8.01 -11.82
C ASP B 57 24.31 -8.50 -10.47
N GLY B 58 23.19 -9.20 -10.46
CA GLY B 58 22.65 -9.73 -9.21
C GLY B 58 22.20 -8.69 -8.19
N LYS B 59 21.88 -7.48 -8.64
CA LYS B 59 21.48 -6.39 -7.71
C LYS B 59 20.07 -5.89 -7.97
N TYR B 60 19.48 -5.32 -6.91
CA TYR B 60 18.16 -4.69 -7.03
C TYR B 60 18.28 -3.34 -7.71
N GLY B 61 19.10 -2.45 -7.17
CA GLY B 61 19.39 -1.20 -7.85
C GLY B 61 19.58 -0.01 -6.91
N ALA B 62 20.73 0.63 -7.03
CA ALA B 62 21.02 1.86 -6.32
C ALA B 62 21.85 2.77 -7.22
N GLN B 63 21.88 4.03 -6.84
CA GLN B 63 22.49 5.09 -7.63
C GLN B 63 23.84 5.41 -6.97
N ASN B 64 24.90 5.44 -7.77
CA ASN B 64 26.22 5.77 -7.22
C ASN B 64 26.40 7.26 -7.03
N ASP B 65 27.60 7.64 -6.62
CA ASP B 65 27.95 9.02 -6.27
C ASP B 65 28.07 9.91 -7.51
N LYS B 66 27.41 9.48 -8.59
CA LYS B 66 27.42 10.18 -9.87
C LYS B 66 26.06 10.09 -10.56
N GLY B 67 25.10 9.44 -9.91
CA GLY B 67 23.74 9.33 -10.43
C GLY B 67 23.53 8.13 -11.35
N GLU B 68 24.53 7.25 -11.40
CA GLU B 68 24.46 6.06 -12.26
C GLU B 68 23.83 4.91 -11.49
N TRP B 69 22.84 4.27 -12.09
CA TRP B 69 22.14 3.12 -11.48
C TRP B 69 22.74 1.78 -11.88
N ASN B 70 22.43 0.76 -11.08
CA ASN B 70 22.76 -0.63 -11.39
C ASN B 70 21.55 -1.50 -11.17
N GLY B 71 21.73 -2.82 -11.25
CA GLY B 71 20.68 -3.78 -10.95
C GLY B 71 19.48 -3.74 -11.87
N MET B 72 18.35 -4.24 -11.37
CA MET B 72 17.13 -4.28 -12.15
C MET B 72 16.66 -2.88 -12.52
N VAL B 73 16.90 -1.91 -11.64
CA VAL B 73 16.52 -0.54 -11.96
C VAL B 73 17.22 -0.06 -13.23
N LYS B 74 18.53 -0.31 -13.33
CA LYS B 74 19.28 0.06 -14.54
C LYS B 74 18.75 -0.70 -15.77
N GLU B 75 18.38 -1.97 -15.62
CA GLU B 75 17.82 -2.72 -16.77
C GLU B 75 16.58 -2.04 -17.33
N LEU B 76 15.75 -1.49 -16.44
CA LEU B 76 14.56 -0.76 -16.87
C LEU B 76 14.89 0.58 -17.49
N ILE B 77 15.74 1.35 -16.83
CA ILE B 77 16.10 2.68 -17.37
C ILE B 77 16.66 2.55 -18.79
N ASP B 78 17.47 1.53 -19.00
CA ASP B 78 18.13 1.30 -20.26
C ASP B 78 17.28 0.50 -21.25
N HIS B 79 16.03 0.22 -20.90
CA HIS B 79 15.11 -0.52 -21.78
C HIS B 79 15.72 -1.85 -22.24
N ARG B 80 16.37 -2.54 -21.30
CA ARG B 80 16.84 -3.90 -21.52
C ARG B 80 15.75 -4.90 -21.17
N ALA B 81 14.77 -4.48 -20.37
CA ALA B 81 13.66 -5.32 -19.97
C ALA B 81 12.39 -4.50 -20.03
N ASP B 82 11.28 -5.19 -20.29
CA ASP B 82 9.95 -4.56 -20.30
C ASP B 82 9.39 -4.40 -18.90
N LEU B 83 9.66 -5.39 -18.05
CA LEU B 83 9.10 -5.46 -16.71
C LEU B 83 10.15 -5.97 -15.75
N ALA B 84 10.10 -5.49 -14.51
CA ALA B 84 10.85 -6.11 -13.41
C ALA B 84 9.84 -6.72 -12.45
N VAL B 85 9.85 -8.05 -12.34
CA VAL B 85 8.92 -8.74 -11.45
C VAL B 85 9.72 -9.49 -10.41
N ALA B 86 9.70 -8.91 -9.20
CA ALA B 86 10.61 -9.29 -8.12
C ALA B 86 10.06 -8.63 -6.88
N PRO B 87 10.60 -8.97 -5.69
CA PRO B 87 10.27 -8.18 -4.50
C PRO B 87 11.03 -6.84 -4.56
N LEU B 88 10.55 -5.96 -5.45
CA LEU B 88 11.21 -4.71 -5.77
C LEU B 88 10.48 -3.57 -5.07
N THR B 89 11.19 -2.93 -4.15
CA THR B 89 10.59 -1.94 -3.29
C THR B 89 10.35 -0.63 -4.03
N ILE B 90 9.13 -0.12 -3.89
CA ILE B 90 8.70 1.16 -4.41
C ILE B 90 9.25 2.27 -3.52
N THR B 91 10.15 3.08 -4.07
CA THR B 91 10.79 4.16 -3.33
C THR B 91 10.76 5.46 -4.12
N TYR B 92 10.81 6.57 -3.40
CA TYR B 92 10.89 7.91 -3.98
C TYR B 92 12.00 8.03 -5.03
N VAL B 93 13.22 7.63 -4.66
CA VAL B 93 14.35 7.77 -5.60
C VAL B 93 14.17 6.94 -6.88
N ARG B 94 13.57 5.76 -6.75
CA ARG B 94 13.34 4.92 -7.90
C ARG B 94 12.17 5.40 -8.74
N GLU B 95 11.13 5.91 -8.09
CA GLU B 95 9.95 6.35 -8.82
C GLU B 95 10.27 7.51 -9.75
N LYS B 96 11.31 8.25 -9.45
CA LYS B 96 11.72 9.37 -10.31
C LYS B 96 12.31 8.89 -11.63
N VAL B 97 12.79 7.65 -11.67
CA VAL B 97 13.53 7.15 -12.83
C VAL B 97 12.89 5.97 -13.56
N ILE B 98 11.99 5.25 -12.89
CA ILE B 98 11.21 4.17 -13.51
C ILE B 98 9.75 4.36 -13.15
N ASP B 99 8.86 3.60 -13.79
CA ASP B 99 7.46 3.58 -13.39
C ASP B 99 7.22 2.32 -12.57
N PHE B 100 6.55 2.45 -11.44
CA PHE B 100 6.12 1.28 -10.70
C PHE B 100 4.61 1.08 -10.85
N SER B 101 4.19 -0.19 -10.87
CA SER B 101 2.78 -0.50 -10.64
C SER B 101 2.38 -0.15 -9.21
N LYS B 102 1.09 -0.14 -8.95
CA LYS B 102 0.59 -0.16 -7.57
C LYS B 102 1.14 -1.40 -6.84
N PRO B 103 1.23 -1.31 -5.51
CA PRO B 103 1.85 -2.40 -4.74
C PRO B 103 1.08 -3.70 -4.72
N PHE B 104 1.80 -4.81 -4.73
CA PHE B 104 1.20 -6.12 -4.56
C PHE B 104 1.49 -6.74 -3.19
N MET B 105 2.30 -6.05 -2.39
CA MET B 105 2.59 -6.51 -1.03
C MET B 105 3.11 -5.31 -0.26
N THR B 106 2.89 -5.30 1.05
CA THR B 106 3.50 -4.28 1.90
C THR B 106 4.37 -4.96 2.95
N LEU B 107 5.33 -4.20 3.46
CA LEU B 107 6.34 -4.73 4.36
C LEU B 107 7.09 -3.56 4.98
N GLY B 108 7.99 -3.88 5.90
CA GLY B 108 8.89 -2.87 6.43
C GLY B 108 10.21 -3.47 6.81
N ILE B 109 11.23 -2.62 6.89
CA ILE B 109 12.56 -3.02 7.35
C ILE B 109 12.50 -3.45 8.81
N SER B 110 13.16 -4.56 9.13
CA SER B 110 13.37 -4.96 10.52
C SER B 110 14.74 -5.65 10.62
N ILE B 111 15.03 -6.30 11.75
CA ILE B 111 16.35 -6.88 12.00
C ILE B 111 16.26 -8.38 12.11
N LEU B 112 17.14 -9.08 11.40
CA LEU B 112 17.29 -10.53 11.54
C LEU B 112 18.57 -10.83 12.31
N TYR B 113 18.47 -11.64 13.36
CA TYR B 113 19.65 -12.03 14.14
C TYR B 113 19.46 -13.42 14.69
N ARG B 114 20.48 -13.95 15.35
CA ARG B 114 20.36 -15.20 16.11
C ARG B 114 19.66 -14.94 17.44
N LYS B 115 19.29 -16.03 18.11
CA LYS B 115 18.62 -15.91 19.38
C LYS B 115 19.62 -15.73 20.52
N GLY B 116 19.15 -15.26 21.67
CA GLY B 116 19.97 -15.30 22.88
C GLY B 116 20.66 -14.03 23.35
N THR B 117 20.38 -12.90 22.69
CA THR B 117 20.97 -11.63 23.13
C THR B 117 19.91 -10.68 23.69
N PRO B 118 20.35 -9.64 24.44
CA PRO B 118 19.39 -8.69 24.98
C PRO B 118 19.00 -7.57 24.00
N ILE B 119 19.56 -7.58 22.78
CA ILE B 119 19.23 -6.55 21.81
C ILE B 119 17.77 -6.68 21.44
N ASP B 120 17.02 -5.58 21.59
CA ASP B 120 15.57 -5.59 21.39
C ASP B 120 15.10 -4.52 20.38
N SER B 121 16.02 -3.74 19.82
CA SER B 121 15.66 -2.66 18.90
C SER B 121 16.86 -2.18 18.09
N ALA B 122 16.59 -1.39 17.06
CA ALA B 122 17.67 -0.75 16.32
C ALA B 122 18.49 0.18 17.23
N ASP B 123 17.83 0.88 18.15
CA ASP B 123 18.55 1.72 19.10
C ASP B 123 19.58 0.90 19.86
N ASP B 124 19.16 -0.27 20.35
CA ASP B 124 20.06 -1.16 21.09
C ASP B 124 21.20 -1.61 20.21
N LEU B 125 20.87 -1.98 18.98
CA LEU B 125 21.86 -2.50 18.05
C LEU B 125 22.90 -1.44 17.68
N ALA B 126 22.46 -0.19 17.47
CA ALA B 126 23.38 0.91 17.11
C ALA B 126 24.31 1.27 18.26
N LYS B 127 23.81 1.09 19.49
CA LYS B 127 24.53 1.54 20.67
C LYS B 127 25.64 0.56 21.04
N GLN B 128 25.33 -0.73 20.97
CA GLN B 128 26.26 -1.77 21.36
C GLN B 128 27.40 -1.90 20.37
N THR B 129 28.48 -2.55 20.81
CA THR B 129 29.71 -2.61 20.03
C THR B 129 30.19 -4.05 19.81
N LYS B 130 29.36 -5.03 20.16
CA LYS B 130 29.75 -6.44 20.07
C LYS B 130 29.42 -7.05 18.69
N ILE B 131 28.23 -6.74 18.18
CA ILE B 131 27.80 -7.35 16.92
C ILE B 131 27.76 -6.37 15.75
N GLU B 132 28.30 -6.82 14.61
CA GLU B 132 28.30 -6.06 13.36
CA GLU B 132 28.29 -6.05 13.38
C GLU B 132 26.89 -6.10 12.78
N TYR B 133 26.57 -5.15 11.91
CA TYR B 133 25.26 -5.19 11.24
C TYR B 133 25.38 -4.52 9.89
N GLY B 134 24.41 -4.78 9.03
CA GLY B 134 24.45 -4.22 7.70
C GLY B 134 23.22 -4.59 6.92
N ALA B 135 23.35 -4.54 5.60
CA ALA B 135 22.23 -4.72 4.69
C ALA B 135 22.77 -5.26 3.39
N VAL B 136 21.87 -5.69 2.50
CA VAL B 136 22.31 -6.10 1.16
C VAL B 136 22.78 -4.87 0.37
N ARG B 137 23.94 -4.99 -0.26
CA ARG B 137 24.51 -3.88 -1.03
C ARG B 137 23.60 -3.55 -2.20
N ASP B 138 23.33 -2.25 -2.37
CA ASP B 138 22.63 -1.70 -3.55
C ASP B 138 21.17 -2.09 -3.66
N GLY B 139 20.56 -2.27 -2.49
CA GLY B 139 19.10 -2.41 -2.37
C GLY B 139 18.50 -1.24 -1.62
N SER B 140 17.18 -1.29 -1.45
CA SER B 140 16.44 -0.21 -0.83
C SER B 140 16.70 -0.10 0.68
N THR B 141 17.04 -1.19 1.33
CA THR B 141 17.35 -1.13 2.76
C THR B 141 18.65 -0.34 2.96
N MET B 142 19.67 -0.66 2.16
CA MET B 142 20.90 0.14 2.20
C MET B 142 20.58 1.61 1.95
N THR B 143 19.75 1.87 0.93
CA THR B 143 19.43 3.26 0.59
C THR B 143 18.63 3.97 1.68
N PHE B 144 17.77 3.22 2.38
CA PHE B 144 17.02 3.78 3.52
C PHE B 144 18.00 4.37 4.54
N PHE B 145 19.03 3.60 4.87
CA PHE B 145 20.02 4.06 5.82
C PHE B 145 20.86 5.20 5.28
N LYS B 146 21.25 5.10 4.01
CA LYS B 146 22.07 6.14 3.38
C LYS B 146 21.39 7.51 3.37
N LYS B 147 20.06 7.49 3.25
CA LYS B 147 19.25 8.70 3.09
C LYS B 147 18.63 9.20 4.40
N SER B 148 18.70 8.41 5.46
CA SER B 148 17.99 8.75 6.69
C SER B 148 18.50 10.02 7.35
N LYS B 149 17.57 10.78 7.93
CA LYS B 149 17.90 11.93 8.75
C LYS B 149 17.56 11.67 10.22
N ILE B 150 17.25 10.43 10.54
CA ILE B 150 16.99 10.03 11.92
C ILE B 150 18.33 9.64 12.54
N SER B 151 18.67 10.22 13.69
CA SER B 151 20.02 10.08 14.26
C SER B 151 20.50 8.63 14.37
N THR B 152 19.68 7.75 14.97
CA THR B 152 20.08 6.34 15.14
C THR B 152 20.45 5.74 13.79
N TYR B 153 19.62 6.00 12.78
CA TYR B 153 19.83 5.41 11.45
C TYR B 153 21.00 6.07 10.73
N GLU B 154 21.21 7.36 10.94
CA GLU B 154 22.42 8.03 10.44
C GLU B 154 23.69 7.39 10.99
N LYS B 155 23.68 7.07 12.29
CA LYS B 155 24.82 6.42 12.92
C LYS B 155 25.00 5.03 12.31
N MET B 156 23.90 4.31 12.17
CA MET B 156 23.95 2.98 11.56
C MET B 156 24.51 3.03 10.16
N TRP B 157 24.10 4.01 9.36
CA TRP B 157 24.68 4.13 8.01
C TRP B 157 26.18 4.40 8.07
N ALA B 158 26.61 5.31 8.95
CA ALA B 158 28.04 5.59 9.08
C ALA B 158 28.81 4.32 9.44
N PHE B 159 28.24 3.55 10.34
CA PHE B 159 28.82 2.26 10.74
C PHE B 159 28.94 1.28 9.57
N MET B 160 27.83 1.06 8.85
CA MET B 160 27.84 0.14 7.70
C MET B 160 28.85 0.59 6.66
N SER B 161 28.86 1.89 6.37
CA SER B 161 29.76 2.46 5.38
C SER B 161 31.22 2.26 5.80
N SER B 162 31.51 2.47 7.08
CA SER B 162 32.88 2.35 7.59
C SER B 162 33.40 0.91 7.52
N ARG B 163 32.47 -0.03 7.44
CA ARG B 163 32.80 -1.45 7.40
C ARG B 163 32.23 -2.10 6.14
N GLN B 164 32.13 -1.30 5.07
CA GLN B 164 31.34 -1.69 3.88
C GLN B 164 31.73 -3.05 3.31
N GLN B 165 33.02 -3.37 3.39
CA GLN B 165 33.55 -4.59 2.80
C GLN B 165 32.85 -5.84 3.34
N THR B 166 32.48 -5.80 4.62
CA THR B 166 31.79 -6.92 5.26
C THR B 166 30.34 -6.59 5.64
N ALA B 167 30.07 -5.34 5.98
CA ALA B 167 28.74 -4.97 6.49
C ALA B 167 27.70 -5.00 5.38
N LEU B 168 28.11 -4.63 4.18
CA LEU B 168 27.20 -4.60 3.03
C LEU B 168 27.39 -5.84 2.19
N VAL B 169 26.47 -6.79 2.34
CA VAL B 169 26.61 -8.11 1.78
C VAL B 169 26.09 -8.18 0.35
N ARG B 170 26.58 -9.17 -0.41
CA ARG B 170 26.29 -9.24 -1.83
C ARG B 170 24.83 -9.49 -2.13
N ASN B 171 24.20 -10.32 -1.30
CA ASN B 171 22.83 -10.75 -1.49
C ASN B 171 22.29 -11.32 -0.19
N SER B 172 21.00 -11.60 -0.15
CA SER B 172 20.39 -12.04 1.10
C SER B 172 20.92 -13.39 1.57
N ASP B 173 21.28 -14.28 0.64
CA ASP B 173 21.90 -15.56 1.01
C ASP B 173 23.19 -15.36 1.82
N GLU B 174 24.07 -14.51 1.31
CA GLU B 174 25.31 -14.22 2.02
CA GLU B 174 25.32 -14.17 2.00
C GLU B 174 25.03 -13.51 3.35
N GLY B 175 24.01 -12.65 3.38
CA GLY B 175 23.61 -11.98 4.63
C GLY B 175 23.14 -12.96 5.68
N ILE B 176 22.29 -13.90 5.28
CA ILE B 176 21.75 -14.88 6.24
C ILE B 176 22.85 -15.80 6.75
N GLN B 177 23.74 -16.21 5.84
CA GLN B 177 24.85 -17.05 6.27
C GLN B 177 25.75 -16.30 7.26
N ARG B 178 25.95 -15.00 7.02
CA ARG B 178 26.73 -14.19 7.94
C ARG B 178 26.10 -14.12 9.34
N VAL B 179 24.78 -13.99 9.38
CA VAL B 179 24.04 -14.01 10.65
C VAL B 179 24.25 -15.34 11.37
N LEU B 180 24.22 -16.43 10.62
CA LEU B 180 24.32 -17.77 11.20
C LEU B 180 25.73 -18.11 11.68
N THR B 181 26.75 -17.54 11.04
CA THR B 181 28.13 -17.95 11.27
C THR B 181 29.03 -16.93 11.99
N THR B 182 28.59 -15.67 12.04
CA THR B 182 29.38 -14.61 12.71
C THR B 182 28.47 -13.75 13.57
N ASP B 183 29.05 -12.85 14.37
CA ASP B 183 28.23 -11.94 15.18
C ASP B 183 27.80 -10.76 14.34
N TYR B 184 26.73 -10.98 13.58
CA TYR B 184 26.25 -10.05 12.56
C TYR B 184 24.74 -10.10 12.52
N ALA B 185 24.10 -8.93 12.50
CA ALA B 185 22.65 -8.79 12.30
C ALA B 185 22.37 -8.16 10.94
N LEU B 186 21.35 -8.67 10.26
CA LEU B 186 21.00 -8.19 8.92
C LEU B 186 19.70 -7.38 8.94
N LEU B 187 19.78 -6.16 8.43
CA LEU B 187 18.61 -5.31 8.23
C LEU B 187 17.98 -5.77 6.95
N MET B 188 16.71 -6.14 7.02
CA MET B 188 16.05 -6.68 5.83
C MET B 188 14.55 -6.57 5.97
N GLU B 189 13.83 -6.93 4.92
CA GLU B 189 12.40 -6.66 4.87
C GLU B 189 11.58 -7.76 5.55
N SER B 190 10.51 -7.32 6.21
CA SER B 190 9.78 -8.15 7.18
C SER B 190 9.18 -9.42 6.61
N THR B 191 8.71 -9.37 5.38
CA THR B 191 8.11 -10.56 4.75
C THR B 191 9.16 -11.65 4.54
N SER B 192 10.40 -11.25 4.27
CA SER B 192 11.50 -12.22 4.18
C SER B 192 11.91 -12.73 5.56
N ILE B 193 11.90 -11.86 6.57
CA ILE B 193 12.19 -12.32 7.93
C ILE B 193 11.16 -13.36 8.37
N GLU B 194 9.89 -13.09 8.06
CA GLU B 194 8.80 -14.00 8.40
C GLU B 194 9.01 -15.37 7.74
N TYR B 195 9.45 -15.36 6.49
CA TYR B 195 9.72 -16.59 5.75
C TYR B 195 10.86 -17.39 6.37
N VAL B 196 11.99 -16.73 6.63
CA VAL B 196 13.18 -17.44 7.12
C VAL B 196 13.04 -17.93 8.55
N THR B 197 12.38 -17.14 9.39
CA THR B 197 12.28 -17.49 10.81
C THR B 197 11.27 -18.60 11.05
N GLN B 198 10.43 -18.92 10.05
CA GLN B 198 9.55 -20.08 10.19
C GLN B 198 10.18 -21.36 9.63
N ARG B 199 11.42 -21.24 9.16
CA ARG B 199 12.15 -22.34 8.54
C ARG B 199 13.47 -22.65 9.21
N ASN B 200 14.09 -21.64 9.78
CA ASN B 200 15.31 -21.82 10.53
C ASN B 200 15.08 -21.29 11.94
N CYS B 201 14.95 -22.21 12.89
CA CYS B 201 14.55 -21.84 14.24
C CYS B 201 15.69 -21.25 15.06
N ASN B 202 16.88 -21.11 14.47
CA ASN B 202 17.96 -20.40 15.13
C ASN B 202 17.93 -18.91 14.86
N LEU B 203 17.04 -18.50 13.96
CA LEU B 203 16.91 -17.09 13.56
C LEU B 203 15.69 -16.43 14.20
N THR B 204 15.76 -15.12 14.39
CA THR B 204 14.65 -14.38 14.97
C THR B 204 14.62 -12.96 14.47
N GLN B 205 13.44 -12.35 14.48
CA GLN B 205 13.33 -10.91 14.28
C GLN B 205 13.69 -10.18 15.57
N ILE B 206 14.41 -9.07 15.46
CA ILE B 206 14.69 -8.20 16.61
C ILE B 206 13.91 -6.89 16.41
N GLY B 207 13.05 -6.57 17.38
CA GLY B 207 12.28 -5.34 17.32
C GLY B 207 11.16 -5.39 16.31
N GLY B 208 10.56 -4.24 16.05
CA GLY B 208 9.44 -4.17 15.13
C GLY B 208 9.87 -3.65 13.78
N LEU B 209 8.91 -3.12 13.04
CA LEU B 209 9.19 -2.55 11.72
C LEU B 209 9.61 -1.09 11.85
N ILE B 210 10.67 -0.72 11.14
CA ILE B 210 11.16 0.66 11.23
C ILE B 210 10.64 1.58 10.13
N ASP B 211 10.00 0.99 9.12
CA ASP B 211 9.26 1.77 8.13
C ASP B 211 8.13 0.92 7.55
N SER B 212 7.44 1.49 6.57
CA SER B 212 6.38 0.78 5.87
C SER B 212 6.39 1.21 4.41
N LYS B 213 6.33 0.23 3.51
CA LYS B 213 6.39 0.51 2.06
C LYS B 213 5.88 -0.70 1.27
N GLY B 214 5.91 -0.60 -0.06
CA GLY B 214 5.32 -1.67 -0.88
C GLY B 214 6.28 -2.21 -1.91
N TYR B 215 5.97 -3.41 -2.41
CA TYR B 215 6.62 -3.95 -3.61
C TYR B 215 5.74 -3.68 -4.82
N GLY B 216 6.36 -3.31 -5.95
CA GLY B 216 5.59 -3.13 -7.18
C GLY B 216 6.33 -3.71 -8.35
N VAL B 217 5.60 -3.92 -9.44
CA VAL B 217 6.25 -4.30 -10.69
C VAL B 217 6.86 -3.05 -11.34
N GLY B 218 8.13 -3.12 -11.73
CA GLY B 218 8.81 -1.99 -12.35
C GLY B 218 8.69 -2.03 -13.85
N THR B 219 8.57 -0.85 -14.46
CA THR B 219 8.62 -0.72 -15.92
C THR B 219 9.42 0.51 -16.26
N PRO B 220 9.96 0.60 -17.50
CA PRO B 220 10.64 1.85 -17.85
C PRO B 220 9.65 3.02 -17.83
N ILE B 221 10.13 4.22 -17.56
CA ILE B 221 9.25 5.41 -17.57
C ILE B 221 8.51 5.51 -18.90
N GLY B 222 7.21 5.78 -18.83
CA GLY B 222 6.39 5.91 -20.02
C GLY B 222 5.91 4.60 -20.61
N SER B 223 6.21 3.48 -19.95
CA SER B 223 5.77 2.18 -20.45
C SER B 223 4.27 2.10 -20.59
N PRO B 224 3.79 1.61 -21.74
CA PRO B 224 2.38 1.38 -21.96
C PRO B 224 1.82 0.23 -21.11
N TYR B 225 2.71 -0.54 -20.48
CA TYR B 225 2.27 -1.68 -19.67
C TYR B 225 2.00 -1.35 -18.20
N ARG B 226 2.60 -0.27 -17.68
CA ARG B 226 2.50 0.00 -16.23
C ARG B 226 1.05 0.09 -15.74
N ASP B 227 0.25 0.90 -16.43
CA ASP B 227 -1.15 1.07 -16.02
C ASP B 227 -1.96 -0.22 -16.16
N LYS B 228 -1.69 -0.99 -17.22
CA LYS B 228 -2.34 -2.30 -17.39
C LYS B 228 -1.96 -3.25 -16.25
N ILE B 229 -0.68 -3.24 -15.87
CA ILE B 229 -0.18 -4.08 -14.77
CA ILE B 229 -0.22 -4.09 -14.78
C ILE B 229 -0.85 -3.66 -13.46
N THR B 230 -0.93 -2.34 -13.23
CA THR B 230 -1.61 -1.82 -12.04
C THR B 230 -3.06 -2.32 -11.98
N ILE B 231 -3.76 -2.24 -13.12
CA ILE B 231 -5.15 -2.67 -13.13
C ILE B 231 -5.26 -4.15 -12.83
N ALA B 232 -4.38 -4.95 -13.43
CA ALA B 232 -4.34 -6.38 -13.16
C ALA B 232 -4.01 -6.71 -11.70
N ILE B 233 -3.07 -5.97 -11.11
CA ILE B 233 -2.76 -6.17 -9.71
C ILE B 233 -3.97 -5.90 -8.81
N LEU B 234 -4.69 -4.82 -9.11
CA LEU B 234 -5.88 -4.50 -8.33
C LEU B 234 -6.96 -5.58 -8.48
N GLN B 235 -7.06 -6.16 -9.67
CA GLN B 235 -7.97 -7.29 -9.89
C GLN B 235 -7.57 -8.46 -9.00
N LEU B 236 -6.29 -8.82 -9.04
CA LEU B 236 -5.78 -9.92 -8.23
C LEU B 236 -5.95 -9.67 -6.73
N GLN B 237 -5.72 -8.43 -6.32
CA GLN B 237 -5.89 -7.99 -4.95
C GLN B 237 -7.32 -8.21 -4.50
N GLU B 238 -8.24 -7.64 -5.26
CA GLU B 238 -9.67 -7.64 -4.91
C GLU B 238 -10.27 -9.04 -4.93
N GLU B 239 -9.76 -9.89 -5.81
CA GLU B 239 -10.26 -11.26 -5.96
C GLU B 239 -9.66 -12.22 -4.92
N GLY B 240 -8.74 -11.73 -4.11
CA GLY B 240 -8.12 -12.55 -3.06
C GLY B 240 -6.97 -13.40 -3.54
N LYS B 241 -6.62 -13.28 -4.82
CA LYS B 241 -5.56 -14.09 -5.42
C LYS B 241 -4.18 -13.77 -4.83
N LEU B 242 -3.89 -12.50 -4.59
CA LEU B 242 -2.60 -12.14 -3.97
C LEU B 242 -2.49 -12.75 -2.58
N HIS B 243 -3.58 -12.71 -1.81
CA HIS B 243 -3.62 -13.31 -0.48
C HIS B 243 -3.37 -14.81 -0.56
N MET B 244 -4.01 -15.47 -1.52
CA MET B 244 -3.84 -16.91 -1.71
C MET B 244 -2.40 -17.27 -2.10
N MET B 245 -1.80 -16.46 -2.96
CA MET B 245 -0.42 -16.67 -3.38
C MET B 245 0.55 -16.55 -2.21
N LYS B 246 0.29 -15.59 -1.32
CA LYS B 246 1.14 -15.43 -0.14
C LYS B 246 1.03 -16.66 0.76
N GLU B 247 -0.20 -17.11 1.00
CA GLU B 247 -0.42 -18.30 1.83
C GLU B 247 0.28 -19.51 1.22
N LYS B 248 0.24 -19.61 -0.11
CA LYS B 248 0.86 -20.73 -0.81
C LYS B 248 2.37 -20.79 -0.60
N TRP B 249 3.03 -19.65 -0.68
CA TRP B 249 4.48 -19.58 -0.70
C TRP B 249 5.12 -19.41 0.68
N TRP B 250 4.34 -18.98 1.66
CA TRP B 250 4.82 -18.79 3.04
C TRP B 250 4.43 -19.92 4.00
N ARG B 251 3.30 -20.59 3.76
CA ARG B 251 2.80 -21.65 4.65
C ARG B 251 3.85 -22.73 4.95
N GLY B 252 3.93 -23.19 6.20
CA GLY B 252 3.20 -22.62 7.34
C GLY B 252 4.16 -22.18 8.44
N ASN B 253 3.70 -22.24 9.69
CA ASN B 253 4.53 -21.93 10.84
C ASN B 253 5.32 -23.15 11.29
N GLY B 254 6.65 -23.00 11.33
CA GLY B 254 7.54 -24.14 11.58
C GLY B 254 8.39 -24.06 12.84
N CYS B 255 8.35 -22.93 13.53
CA CYS B 255 9.19 -22.72 14.73
C CYS B 255 8.40 -22.18 15.92
N PRO B 256 8.83 -22.51 17.14
CA PRO B 256 8.19 -21.91 18.32
C PRO B 256 8.36 -20.39 18.38
#